data_5QI3
#
_entry.id   5QI3
#
_cell.length_a   34.493
_cell.length_b   41.533
_cell.length_c   110.868
_cell.angle_alpha   90.000
_cell.angle_beta   90.000
_cell.angle_gamma   90.000
#
_symmetry.space_group_name_H-M   'P 21 21 21'
#
loop_
_entity.id
_entity.type
_entity.pdbx_description
1 polymer 'Poly [ADP-ribose] polymerase 14'
2 non-polymer 'CHLORIDE ION'
3 non-polymer 'DIMETHYL SULFOXIDE'
4 non-polymer ~{N}-(1-propyl-1,2,3,4-tetrazol-5-yl)furan-2-carboxamide
5 water water
#
_entity_poly.entity_id   1
_entity_poly.type   'polypeptide(L)'
_entity_poly.pdbx_seq_one_letter_code
;SMFYGTVSSPDSGVYEMKIGSIIFQVASGDITKEEADVIVNSTSNSFNLKAGVSKAILECAGQNVERECSQQAQQRKNDY
IITGGGFLRCKNIIHVIGGNDVKSSVSSVLQECEKKNYSSICLPAIGTGNAKQHPDKVAEAIIDAIEDFVQKGSAQSVKK
VKVVIFLPQVLDVFYANMKKREG
;
_entity_poly.pdbx_strand_id   A
#
# COMPACT_ATOMS: atom_id res chain seq x y z
N MET A 2 -15.60 2.25 -17.68
CA MET A 2 -15.74 0.78 -17.53
C MET A 2 -15.64 0.21 -16.10
N PHE A 3 -15.04 0.98 -15.19
CA PHE A 3 -14.72 0.58 -13.80
C PHE A 3 -14.91 1.67 -12.72
N TYR A 4 -14.70 2.95 -13.06
CA TYR A 4 -14.59 4.04 -12.07
C TYR A 4 -15.90 4.67 -11.66
N GLY A 5 -16.10 4.71 -10.34
CA GLY A 5 -17.21 5.43 -9.73
C GLY A 5 -16.91 6.91 -9.50
N THR A 6 -17.60 7.50 -8.54
CA THR A 6 -17.59 8.93 -8.24
C THR A 6 -16.70 9.21 -7.02
N VAL A 7 -15.89 10.28 -7.09
CA VAL A 7 -15.08 10.70 -5.95
C VAL A 7 -15.94 11.47 -4.92
N SER A 8 -15.86 11.07 -3.65
CA SER A 8 -16.53 11.82 -2.55
C SER A 8 -15.68 11.73 -1.29
N SER A 9 -16.11 12.43 -0.23
CA SER A 9 -15.44 12.40 1.07
C SER A 9 -16.38 11.87 2.16
N PRO A 10 -16.18 10.59 2.59
CA PRO A 10 -17.10 9.97 3.59
C PRO A 10 -16.85 10.41 5.03
N ASP A 11 -15.63 10.89 5.29
CA ASP A 11 -15.17 11.28 6.63
C ASP A 11 -14.16 12.37 6.44
N SER A 12 -13.98 13.22 7.45
N SER A 12 -13.98 13.22 7.45
CA SER A 12 -13.05 14.35 7.37
CA SER A 12 -13.06 14.35 7.37
C SER A 12 -11.64 13.89 6.96
C SER A 12 -11.65 13.89 6.96
N GLY A 13 -11.13 14.50 5.90
CA GLY A 13 -9.80 14.16 5.38
C GLY A 13 -9.67 12.85 4.59
N VAL A 14 -10.77 12.12 4.39
CA VAL A 14 -10.73 10.86 3.62
C VAL A 14 -11.48 11.09 2.27
N TYR A 15 -10.88 10.64 1.15
CA TYR A 15 -11.48 10.74 -0.20
C TYR A 15 -11.55 9.35 -0.78
N GLU A 16 -12.67 9.00 -1.41
CA GLU A 16 -12.87 7.64 -1.89
C GLU A 16 -13.54 7.57 -3.27
N MET A 17 -13.34 6.46 -3.96
N MET A 17 -13.32 6.45 -3.97
CA MET A 17 -14.14 6.13 -5.12
CA MET A 17 -13.84 6.18 -5.34
C MET A 17 -14.11 4.63 -5.31
C MET A 17 -13.97 4.65 -5.54
N LYS A 18 -15.12 4.14 -6.02
CA LYS A 18 -15.18 2.72 -6.38
C LYS A 18 -14.32 2.46 -7.64
N ILE A 19 -13.59 1.31 -7.60
CA ILE A 19 -12.90 0.76 -8.77
C ILE A 19 -13.45 -0.68 -8.90
N GLY A 20 -14.42 -0.89 -9.80
CA GLY A 20 -15.20 -2.12 -9.78
C GLY A 20 -15.83 -2.27 -8.41
N SER A 21 -15.65 -3.45 -7.81
CA SER A 21 -16.19 -3.73 -6.47
C SER A 21 -15.35 -3.20 -5.28
N ILE A 22 -14.12 -2.73 -5.55
CA ILE A 22 -13.19 -2.29 -4.50
C ILE A 22 -13.45 -0.82 -4.15
N ILE A 23 -13.49 -0.51 -2.86
CA ILE A 23 -13.45 0.89 -2.44
C ILE A 23 -11.98 1.34 -2.26
N PHE A 24 -11.58 2.32 -3.08
CA PHE A 24 -10.25 2.92 -3.03
C PHE A 24 -10.31 4.25 -2.26
N GLN A 25 -9.47 4.39 -1.23
CA GLN A 25 -9.46 5.59 -0.39
C GLN A 25 -8.04 6.17 -0.27
N VAL A 26 -7.97 7.50 -0.06
CA VAL A 26 -6.73 8.18 0.25
C VAL A 26 -6.95 9.13 1.44
N ALA A 27 -5.90 9.31 2.24
CA ALA A 27 -5.89 10.26 3.38
C ALA A 27 -4.44 10.56 3.76
N SER A 28 -4.20 11.67 4.45
N SER A 28 -4.20 11.66 4.46
N SER A 28 -4.20 11.69 4.40
CA SER A 28 -2.88 11.95 5.02
CA SER A 28 -2.88 11.94 5.03
CA SER A 28 -2.89 11.95 5.02
C SER A 28 -2.82 11.58 6.50
C SER A 28 -2.82 11.58 6.51
C SER A 28 -2.86 11.39 6.44
N GLY A 29 -1.67 11.09 6.96
CA GLY A 29 -1.50 10.67 8.38
C GLY A 29 -0.35 9.69 8.58
N ASP A 30 -0.27 9.15 9.80
CA ASP A 30 0.73 8.15 10.22
C ASP A 30 0.14 6.73 9.99
N ILE A 31 0.70 6.04 9.02
CA ILE A 31 0.24 4.71 8.65
C ILE A 31 0.32 3.70 9.82
N THR A 32 1.22 3.92 10.78
CA THR A 32 1.36 2.97 11.90
C THR A 32 0.19 3.02 12.90
N LYS A 33 -0.72 3.99 12.77
CA LYS A 33 -1.94 4.08 13.58
C LYS A 33 -3.15 3.40 12.90
N GLU A 34 -3.00 2.87 11.68
CA GLU A 34 -4.09 2.23 10.93
C GLU A 34 -4.30 0.77 11.35
N GLU A 35 -5.54 0.32 11.18
CA GLU A 35 -5.91 -1.08 11.32
C GLU A 35 -6.32 -1.62 9.92
N ALA A 36 -5.75 -2.77 9.51
CA ALA A 36 -6.10 -3.40 8.22
C ALA A 36 -5.61 -4.85 8.29
N ASP A 37 -6.10 -5.72 7.41
CA ASP A 37 -5.54 -7.08 7.36
C ASP A 37 -4.03 -7.04 7.01
N VAL A 38 -3.66 -6.24 6.00
CA VAL A 38 -2.26 -6.05 5.61
C VAL A 38 -1.91 -4.55 5.65
N ILE A 39 -0.74 -4.24 6.22
CA ILE A 39 -0.07 -2.94 6.08
C ILE A 39 1.19 -3.17 5.22
N VAL A 40 1.40 -2.28 4.24
CA VAL A 40 2.58 -2.35 3.37
C VAL A 40 3.70 -1.40 3.86
N ASN A 41 4.92 -1.92 3.87
CA ASN A 41 6.16 -1.14 4.14
C ASN A 41 6.91 -0.93 2.82
N SER A 42 7.46 0.27 2.61
CA SER A 42 8.28 0.60 1.42
C SER A 42 9.73 0.73 1.91
N THR A 43 10.60 -0.20 1.51
CA THR A 43 11.92 -0.34 2.12
C THR A 43 13.00 -0.58 1.06
N SER A 44 14.21 -0.89 1.51
CA SER A 44 15.34 -1.18 0.62
C SER A 44 15.35 -2.65 0.21
N ASN A 45 16.26 -3.00 -0.71
CA ASN A 45 16.41 -4.40 -1.15
C ASN A 45 16.98 -5.40 -0.11
N SER A 46 17.47 -4.90 1.02
N SER A 46 17.48 -4.96 1.04
CA SER A 46 17.92 -5.68 2.20
CA SER A 46 17.82 -5.89 2.14
C SER A 46 16.85 -5.80 3.31
C SER A 46 16.82 -5.84 3.30
N PHE A 47 15.72 -5.10 3.13
CA PHE A 47 14.58 -5.17 4.05
C PHE A 47 14.94 -4.77 5.48
N ASN A 48 15.91 -3.84 5.58
CA ASN A 48 16.45 -3.41 6.87
C ASN A 48 16.57 -1.89 7.03
N LEU A 49 15.97 -1.12 6.12
CA LEU A 49 16.01 0.33 6.17
C LEU A 49 15.17 0.88 7.32
N LYS A 50 15.63 1.99 7.91
CA LYS A 50 14.91 2.65 9.00
C LYS A 50 14.95 4.16 8.79
N ALA A 51 14.31 4.58 7.70
CA ALA A 51 14.24 5.99 7.32
C ALA A 51 12.82 6.28 6.83
N GLY A 52 12.24 7.38 7.31
CA GLY A 52 10.88 7.77 6.88
C GLY A 52 9.85 6.71 7.27
N VAL A 53 8.98 6.31 6.33
CA VAL A 53 7.94 5.30 6.61
C VAL A 53 8.53 4.04 7.20
N SER A 54 9.64 3.58 6.63
CA SER A 54 10.27 2.35 7.10
C SER A 54 10.73 2.43 8.57
N LYS A 55 11.24 3.62 8.98
CA LYS A 55 11.60 3.83 10.40
C LYS A 55 10.38 3.63 11.31
N ALA A 56 9.28 4.30 10.97
CA ALA A 56 8.06 4.22 11.79
C ALA A 56 7.51 2.80 11.86
N ILE A 57 7.45 2.13 10.71
CA ILE A 57 6.92 0.77 10.65
C ILE A 57 7.80 -0.21 11.47
N LEU A 58 9.13 -0.21 11.28
CA LEU A 58 9.95 -1.16 12.05
C LEU A 58 10.00 -0.85 13.56
N GLU A 59 10.01 0.44 13.93
CA GLU A 59 10.00 0.82 15.36
C GLU A 59 8.71 0.38 16.05
N CYS A 60 7.57 0.73 15.43
N CYS A 60 7.57 0.55 15.37
CA CYS A 60 6.27 0.27 15.96
CA CYS A 60 6.29 0.25 15.99
C CYS A 60 6.09 -1.26 15.96
C CYS A 60 5.96 -1.24 15.90
N ALA A 61 6.43 -1.91 14.84
CA ALA A 61 6.25 -3.38 14.69
C ALA A 61 7.06 -4.18 15.73
N GLY A 62 8.31 -3.76 15.94
CA GLY A 62 9.18 -4.29 16.99
C GLY A 62 10.28 -5.21 16.48
N GLN A 63 11.14 -5.62 17.42
CA GLN A 63 12.36 -6.36 17.07
C GLN A 63 12.15 -7.74 16.45
N ASN A 64 11.10 -8.47 16.85
CA ASN A 64 10.83 -9.78 16.24
C ASN A 64 10.55 -9.64 14.73
N VAL A 65 9.80 -8.61 14.33
CA VAL A 65 9.58 -8.36 12.89
C VAL A 65 10.90 -7.98 12.18
N GLU A 66 11.72 -7.15 12.82
CA GLU A 66 13.05 -6.80 12.28
C GLU A 66 13.88 -8.04 12.00
N ARG A 67 13.90 -8.95 12.96
CA ARG A 67 14.61 -10.23 12.83
C ARG A 67 14.03 -11.14 11.75
N GLU A 68 12.69 -11.24 11.66
CA GLU A 68 12.05 -12.00 10.56
C GLU A 68 12.51 -11.46 9.18
N CYS A 69 12.62 -10.13 9.05
CA CYS A 69 13.06 -9.51 7.79
C CYS A 69 14.50 -9.89 7.36
N SER A 70 15.46 -9.76 8.27
N SER A 70 15.47 -9.76 8.26
CA SER A 70 16.86 -10.06 7.94
CA SER A 70 16.87 -10.06 7.93
C SER A 70 17.10 -11.56 7.71
C SER A 70 17.12 -11.56 7.74
N GLN A 71 16.35 -12.41 8.42
CA GLN A 71 16.39 -13.87 8.23
C GLN A 71 15.93 -14.24 6.81
N GLN A 72 14.78 -13.72 6.38
CA GLN A 72 14.33 -13.99 5.00
C GLN A 72 15.25 -13.37 3.92
N ALA A 73 15.80 -12.19 4.18
CA ALA A 73 16.72 -11.52 3.23
C ALA A 73 17.97 -12.35 2.91
N GLN A 74 18.50 -13.03 3.92
CA GLN A 74 19.69 -13.89 3.74
C GLN A 74 19.37 -15.29 3.19
N GLN A 75 18.11 -15.72 3.27
CA GLN A 75 17.69 -17.05 2.78
C GLN A 75 17.67 -17.16 1.25
N ARG A 76 17.19 -16.11 0.57
CA ARG A 76 17.04 -16.10 -0.89
C ARG A 76 16.96 -14.67 -1.43
N LYS A 77 16.95 -14.51 -2.76
CA LYS A 77 16.71 -13.21 -3.39
C LYS A 77 15.18 -12.97 -3.47
N ASN A 78 14.70 -11.91 -2.83
CA ASN A 78 13.26 -11.62 -2.75
C ASN A 78 12.92 -10.27 -3.41
N ASP A 79 11.85 -10.22 -4.21
CA ASP A 79 11.28 -8.95 -4.69
C ASP A 79 10.45 -8.25 -3.57
N TYR A 80 9.93 -9.04 -2.63
CA TYR A 80 9.17 -8.56 -1.47
C TYR A 80 9.16 -9.70 -0.44
N ILE A 81 8.86 -9.37 0.83
CA ILE A 81 8.72 -10.40 1.87
C ILE A 81 7.46 -10.15 2.71
N ILE A 82 6.94 -11.24 3.27
CA ILE A 82 5.74 -11.22 4.13
C ILE A 82 6.18 -11.63 5.55
N THR A 83 5.87 -10.79 6.54
CA THR A 83 6.14 -11.09 7.95
C THR A 83 4.85 -11.00 8.77
N GLY A 84 4.94 -11.38 10.04
CA GLY A 84 3.91 -11.02 10.98
C GLY A 84 3.75 -9.52 11.14
N GLY A 85 2.69 -9.13 11.86
CA GLY A 85 2.38 -7.74 12.13
C GLY A 85 3.07 -7.14 13.34
N GLY A 86 3.65 -7.97 14.20
CA GLY A 86 4.27 -7.46 15.43
C GLY A 86 3.25 -6.67 16.24
N PHE A 87 3.64 -5.48 16.71
CA PHE A 87 2.75 -4.59 17.45
C PHE A 87 1.97 -3.56 16.59
N LEU A 88 1.98 -3.73 15.28
CA LEU A 88 1.01 -3.02 14.43
C LEU A 88 -0.35 -3.71 14.45
N ARG A 89 -1.39 -2.95 14.11
CA ARG A 89 -2.77 -3.45 14.07
C ARG A 89 -3.12 -4.09 12.70
N CYS A 90 -2.44 -5.19 12.44
CA CYS A 90 -2.62 -5.92 11.18
C CYS A 90 -2.28 -7.39 11.38
N LYS A 91 -2.71 -8.22 10.43
CA LYS A 91 -2.40 -9.68 10.45
C LYS A 91 -1.02 -9.98 9.84
N ASN A 92 -0.63 -9.24 8.79
CA ASN A 92 0.71 -9.38 8.17
C ASN A 92 1.18 -8.00 7.67
N ILE A 93 2.51 -7.84 7.62
CA ILE A 93 3.15 -6.73 6.89
C ILE A 93 3.76 -7.31 5.61
N ILE A 94 3.49 -6.64 4.47
CA ILE A 94 4.20 -6.99 3.22
C ILE A 94 5.20 -5.85 2.95
N HIS A 95 6.49 -6.21 2.95
CA HIS A 95 7.59 -5.26 2.76
C HIS A 95 8.01 -5.30 1.28
N VAL A 96 7.74 -4.19 0.56
CA VAL A 96 8.08 -4.06 -0.86
C VAL A 96 9.30 -3.13 -0.99
N ILE A 97 10.00 -3.22 -2.13
CA ILE A 97 11.22 -2.45 -2.37
C ILE A 97 10.81 -1.11 -3.04
N GLY A 98 11.07 0.01 -2.36
CA GLY A 98 10.64 1.34 -2.83
C GLY A 98 11.14 1.68 -4.23
N GLY A 99 12.34 1.22 -4.61
CA GLY A 99 12.91 1.47 -5.93
C GLY A 99 12.35 0.63 -7.07
N ASN A 100 11.63 -0.45 -6.76
CA ASN A 100 11.07 -1.33 -7.80
C ASN A 100 9.88 -0.68 -8.51
N ASP A 101 9.53 -1.26 -9.64
N ASP A 101 9.51 -1.26 -9.66
CA ASP A 101 8.32 -0.88 -10.37
CA ASP A 101 8.29 -0.88 -10.41
C ASP A 101 7.09 -0.93 -9.45
C ASP A 101 7.07 -0.94 -9.48
N VAL A 102 6.42 0.21 -9.27
CA VAL A 102 5.34 0.33 -8.28
C VAL A 102 4.09 -0.48 -8.71
N LYS A 103 3.76 -0.46 -10.01
CA LYS A 103 2.60 -1.24 -10.47
C LYS A 103 2.80 -2.73 -10.15
N SER A 104 4.00 -3.24 -10.44
N SER A 104 3.99 -3.25 -10.43
CA SER A 104 4.35 -4.64 -10.12
CA SER A 104 4.30 -4.64 -10.13
C SER A 104 4.24 -4.97 -8.62
C SER A 104 4.23 -4.96 -8.61
N SER A 105 4.78 -4.07 -7.80
CA SER A 105 4.72 -4.26 -6.34
C SER A 105 3.27 -4.31 -5.81
N VAL A 106 2.42 -3.38 -6.28
CA VAL A 106 1.03 -3.37 -5.85
C VAL A 106 0.26 -4.61 -6.35
N SER A 107 0.52 -5.01 -7.60
CA SER A 107 -0.09 -6.25 -8.13
C SER A 107 0.26 -7.47 -7.24
N SER A 108 1.52 -7.55 -6.81
CA SER A 108 1.95 -8.64 -5.90
C SER A 108 1.22 -8.59 -4.55
N VAL A 109 1.11 -7.39 -3.96
CA VAL A 109 0.36 -7.22 -2.70
C VAL A 109 -1.10 -7.71 -2.85
N LEU A 110 -1.78 -7.28 -3.92
CA LEU A 110 -3.18 -7.68 -4.15
C LEU A 110 -3.31 -9.22 -4.24
N GLN A 111 -2.42 -9.85 -5.02
CA GLN A 111 -2.45 -11.32 -5.22
C GLN A 111 -2.21 -12.07 -3.89
N GLU A 112 -1.25 -11.59 -3.10
CA GLU A 112 -0.96 -12.22 -1.79
C GLU A 112 -2.14 -12.08 -0.80
N CYS A 113 -2.83 -10.93 -0.86
CA CYS A 113 -4.00 -10.73 0.00
C CYS A 113 -5.17 -11.64 -0.40
N GLU A 114 -5.40 -11.86 -1.71
CA GLU A 114 -6.40 -12.84 -2.16
C GLU A 114 -6.07 -14.26 -1.70
N LYS A 115 -4.79 -14.63 -1.75
N LYS A 115 -4.79 -14.63 -1.75
CA LYS A 115 -4.34 -15.97 -1.31
CA LYS A 115 -4.33 -15.96 -1.30
C LYS A 115 -4.71 -16.22 0.17
C LYS A 115 -4.63 -16.22 0.19
N LYS A 116 -4.69 -15.17 1.00
CA LYS A 116 -5.03 -15.27 2.43
C LYS A 116 -6.51 -14.98 2.74
N ASN A 117 -7.33 -14.72 1.71
CA ASN A 117 -8.74 -14.34 1.88
C ASN A 117 -8.91 -13.07 2.74
N TYR A 118 -7.98 -12.13 2.58
CA TYR A 118 -8.05 -10.84 3.28
C TYR A 118 -8.95 -9.83 2.55
N SER A 119 -9.53 -8.92 3.33
CA SER A 119 -10.46 -7.92 2.79
C SER A 119 -9.91 -6.48 2.74
N SER A 120 -8.97 -6.11 3.61
CA SER A 120 -8.50 -4.73 3.69
C SER A 120 -6.97 -4.61 3.62
N ILE A 121 -6.52 -3.55 2.93
CA ILE A 121 -5.09 -3.23 2.72
C ILE A 121 -4.88 -1.74 3.02
N CYS A 122 -3.76 -1.41 3.68
N CYS A 122 -3.77 -1.42 3.70
CA CYS A 122 -3.34 -0.01 3.81
CA CYS A 122 -3.30 -0.04 3.85
C CYS A 122 -1.88 0.10 3.34
C CYS A 122 -1.88 0.04 3.28
N LEU A 123 -1.60 1.06 2.46
CA LEU A 123 -0.24 1.23 1.91
C LEU A 123 0.17 2.70 1.97
N PRO A 124 1.49 2.98 1.95
CA PRO A 124 2.00 4.33 1.84
C PRO A 124 2.09 4.71 0.33
N ALA A 125 2.54 5.94 0.04
CA ALA A 125 2.90 6.33 -1.34
C ALA A 125 4.25 5.72 -1.70
N ILE A 126 4.20 4.42 -2.03
CA ILE A 126 5.37 3.55 -2.25
C ILE A 126 6.35 4.22 -3.21
N GLY A 127 7.63 4.29 -2.83
CA GLY A 127 8.67 4.84 -3.71
C GLY A 127 8.99 6.32 -3.53
N THR A 128 8.14 7.06 -2.80
CA THR A 128 8.31 8.52 -2.72
C THR A 128 9.25 8.95 -1.58
N GLY A 129 9.74 7.98 -0.78
CA GLY A 129 10.69 8.22 0.30
C GLY A 129 12.14 8.16 -0.17
N ASN A 130 12.96 7.32 0.45
CA ASN A 130 14.40 7.21 0.06
C ASN A 130 14.60 6.92 -1.45
N ALA A 131 13.68 6.18 -2.07
CA ALA A 131 13.80 5.85 -3.50
C ALA A 131 13.60 7.07 -4.45
N LYS A 132 12.94 8.13 -3.98
CA LYS A 132 12.76 9.38 -4.73
C LYS A 132 12.15 9.16 -6.12
N GLN A 133 11.15 8.27 -6.20
CA GLN A 133 10.26 8.22 -7.37
C GLN A 133 9.28 9.41 -7.30
N HIS A 134 8.87 9.90 -8.47
CA HIS A 134 8.00 11.08 -8.55
C HIS A 134 6.54 10.76 -8.11
N PRO A 135 5.95 11.59 -7.21
CA PRO A 135 4.57 11.31 -6.76
C PRO A 135 3.52 11.11 -7.86
N ASP A 136 3.58 11.90 -8.93
CA ASP A 136 2.58 11.75 -10.00
C ASP A 136 2.62 10.35 -10.68
N LYS A 137 3.83 9.86 -10.96
CA LYS A 137 4.00 8.52 -11.53
C LYS A 137 3.61 7.42 -10.53
N VAL A 138 3.92 7.62 -9.25
CA VAL A 138 3.55 6.66 -8.20
C VAL A 138 2.02 6.51 -8.10
N ALA A 139 1.29 7.64 -8.06
CA ALA A 139 -0.18 7.58 -8.01
C ALA A 139 -0.75 6.85 -9.23
N GLU A 140 -0.26 7.19 -10.43
CA GLU A 140 -0.74 6.54 -11.66
C GLU A 140 -0.52 5.01 -11.61
N ALA A 141 0.65 4.60 -11.09
CA ALA A 141 1.01 3.17 -11.01
C ALA A 141 0.15 2.39 -10.01
N ILE A 142 -0.09 2.99 -8.83
CA ILE A 142 -0.92 2.33 -7.80
C ILE A 142 -2.35 2.09 -8.34
N ILE A 143 -2.94 3.14 -8.92
CA ILE A 143 -4.34 3.02 -9.39
C ILE A 143 -4.40 2.09 -10.63
N ASP A 144 -3.40 2.16 -11.53
CA ASP A 144 -3.34 1.22 -12.67
C ASP A 144 -3.32 -0.25 -12.19
N ALA A 145 -2.55 -0.55 -11.14
CA ALA A 145 -2.48 -1.93 -10.63
C ALA A 145 -3.86 -2.43 -10.17
N ILE A 146 -4.58 -1.56 -9.46
CA ILE A 146 -5.92 -1.92 -8.96
C ILE A 146 -6.89 -2.14 -10.15
N GLU A 147 -6.87 -1.22 -11.12
CA GLU A 147 -7.71 -1.39 -12.33
C GLU A 147 -7.44 -2.73 -13.04
N ASP A 148 -6.17 -3.08 -13.23
CA ASP A 148 -5.81 -4.34 -13.90
C ASP A 148 -6.34 -5.57 -13.12
N PHE A 149 -6.19 -5.52 -11.80
N PHE A 149 -6.20 -5.52 -11.80
CA PHE A 149 -6.67 -6.60 -10.89
CA PHE A 149 -6.68 -6.62 -10.93
C PHE A 149 -8.19 -6.83 -11.01
C PHE A 149 -8.20 -6.83 -11.06
N VAL A 150 -8.94 -5.72 -11.04
CA VAL A 150 -10.41 -5.73 -11.25
C VAL A 150 -10.79 -6.21 -12.66
N GLN A 151 -10.10 -5.70 -13.69
CA GLN A 151 -10.38 -6.07 -15.10
C GLN A 151 -10.23 -7.58 -15.32
N LYS A 152 -9.23 -8.18 -14.70
CA LYS A 152 -8.95 -9.64 -14.83
C LYS A 152 -9.92 -10.53 -14.03
N GLY A 153 -10.81 -9.93 -13.24
CA GLY A 153 -11.77 -10.70 -12.45
C GLY A 153 -11.17 -11.25 -11.17
N SER A 154 -10.06 -10.68 -10.71
CA SER A 154 -9.30 -11.26 -9.60
C SER A 154 -9.77 -10.80 -8.21
N ALA A 155 -10.55 -9.72 -8.13
CA ALA A 155 -11.03 -9.20 -6.83
C ALA A 155 -12.19 -10.11 -6.39
N GLN A 156 -12.00 -10.81 -5.28
N GLN A 156 -12.00 -10.81 -5.28
CA GLN A 156 -12.99 -11.69 -4.67
CA GLN A 156 -13.00 -11.69 -4.67
C GLN A 156 -13.07 -11.37 -3.17
C GLN A 156 -13.07 -11.40 -3.15
N SER A 157 -12.01 -11.64 -2.42
N SER A 157 -11.98 -11.64 -2.42
CA SER A 157 -11.96 -11.29 -1.00
CA SER A 157 -11.94 -11.28 -0.99
C SER A 157 -11.61 -9.81 -0.75
C SER A 157 -11.61 -9.81 -0.75
N VAL A 158 -10.75 -9.21 -1.56
CA VAL A 158 -10.29 -7.81 -1.32
C VAL A 158 -11.43 -6.83 -1.62
N LYS A 159 -11.75 -6.00 -0.62
CA LYS A 159 -12.86 -5.02 -0.68
C LYS A 159 -12.45 -3.56 -0.48
N LYS A 160 -11.32 -3.31 0.20
CA LYS A 160 -10.93 -1.96 0.57
C LYS A 160 -9.40 -1.81 0.45
N VAL A 161 -8.96 -0.79 -0.31
CA VAL A 161 -7.54 -0.46 -0.46
C VAL A 161 -7.39 1.03 -0.14
N LYS A 162 -6.61 1.33 0.91
CA LYS A 162 -6.44 2.71 1.41
C LYS A 162 -4.97 3.12 1.36
N VAL A 163 -4.68 4.30 0.78
CA VAL A 163 -3.32 4.87 0.80
C VAL A 163 -3.31 5.94 1.88
N VAL A 164 -2.44 5.74 2.90
CA VAL A 164 -2.23 6.74 3.96
C VAL A 164 -0.86 7.37 3.69
N ILE A 165 -0.86 8.70 3.51
CA ILE A 165 0.23 9.44 2.90
C ILE A 165 0.83 10.42 3.92
N PHE A 166 2.14 10.36 4.14
CA PHE A 166 2.79 11.18 5.17
C PHE A 166 2.67 12.69 4.91
N LEU A 167 2.93 13.12 3.67
CA LEU A 167 2.84 14.56 3.30
C LEU A 167 1.53 14.98 2.63
N PRO A 168 0.83 15.98 3.24
CA PRO A 168 -0.37 16.51 2.58
C PRO A 168 -0.19 16.88 1.11
N GLN A 169 0.96 17.44 0.75
CA GLN A 169 1.17 17.80 -0.65
C GLN A 169 1.12 16.61 -1.62
N VAL A 170 1.50 15.44 -1.15
CA VAL A 170 1.41 14.22 -1.98
C VAL A 170 -0.06 13.74 -2.07
N LEU A 171 -0.84 13.89 -1.00
N LEU A 171 -0.84 13.89 -1.00
CA LEU A 171 -2.27 13.60 -1.06
CA LEU A 171 -2.28 13.60 -1.05
C LEU A 171 -2.95 14.37 -2.21
C LEU A 171 -2.95 14.37 -2.21
N ASP A 172 -2.57 15.64 -2.41
CA ASP A 172 -3.20 16.44 -3.47
C ASP A 172 -2.98 15.81 -4.87
N VAL A 173 -1.80 15.24 -5.09
CA VAL A 173 -1.46 14.56 -6.36
C VAL A 173 -2.38 13.31 -6.57
N PHE A 174 -2.57 12.52 -5.50
CA PHE A 174 -3.48 11.36 -5.58
C PHE A 174 -4.93 11.76 -5.87
N TYR A 175 -5.42 12.79 -5.16
N TYR A 175 -5.41 12.80 -5.16
CA TYR A 175 -6.79 13.26 -5.37
CA TYR A 175 -6.76 13.36 -5.36
C TYR A 175 -7.00 13.74 -6.84
C TYR A 175 -7.00 13.77 -6.81
N ALA A 176 -6.03 14.49 -7.38
CA ALA A 176 -6.14 14.92 -8.79
C ALA A 176 -6.23 13.72 -9.74
N ASN A 177 -5.47 12.67 -9.47
CA ASN A 177 -5.50 11.47 -10.34
C ASN A 177 -6.90 10.79 -10.26
N MET A 178 -7.45 10.67 -9.04
CA MET A 178 -8.81 10.13 -8.89
C MET A 178 -9.85 10.94 -9.70
N LYS A 179 -9.78 12.28 -9.63
CA LYS A 179 -10.70 13.15 -10.38
C LYS A 179 -10.53 12.98 -11.90
N LYS A 180 -9.29 12.77 -12.36
CA LYS A 180 -9.04 12.51 -13.79
C LYS A 180 -9.80 11.24 -14.24
N ARG A 181 -9.80 10.22 -13.39
CA ARG A 181 -10.38 8.91 -13.76
C ARG A 181 -11.88 8.79 -13.56
N GLU A 182 -12.49 9.64 -12.73
CA GLU A 182 -13.85 9.36 -12.23
C GLU A 182 -14.89 9.26 -13.33
N GLY A 183 -15.91 8.45 -13.10
CA GLY A 183 -17.04 8.33 -14.04
C GLY A 183 -17.89 9.59 -14.17
#